data_7SZ3
#
_entry.id   7SZ3
#
_cell.length_a   87.415
_cell.length_b   87.415
_cell.length_c   128.741
_cell.angle_alpha   90.000
_cell.angle_beta   90.000
_cell.angle_gamma   120.000
#
_symmetry.space_group_name_H-M   'P 31 2 1'
#
loop_
_entity.id
_entity.type
_entity.pdbx_description
1 polymer 'Zinc finger CCCH-type antiviral protein 1'
2 non-polymer GLYCEROL
3 non-polymer ADENOSINE-5-DIPHOSPHORIBOSE
4 non-polymer 'PHOSPHATE ION'
5 water water
#
_entity_poly.entity_id   1
_entity_poly.type   'polypeptide(L)'
_entity_poly.pdbx_seq_one_letter_code
;SPRMDDHGLKEICLDHLYRGCQQVNCNKNHFHLPYRWQLFILPTWMDFQDMEYIERAYCDPQIEIIVIEKHRINFKKMTC
DSYPIRRLSTPSFVEKTLNSVFTTKWLWYWRNELNEYTQYGHESPSHTSSEINSAYLESFFHSCPRGVLQFHAGSQNYEL
SFQGMIQTNIASKTQRHVVRRPVFVSSKDVEQKRRGPD
;
_entity_poly.pdbx_strand_id   A,B
#
loop_
_chem_comp.id
_chem_comp.type
_chem_comp.name
_chem_comp.formula
APR non-polymer ADENOSINE-5-DIPHOSPHORIBOSE 'C15 H23 N5 O14 P2'
GOL non-polymer GLYCEROL 'C3 H8 O3'
PO4 non-polymer 'PHOSPHATE ION' 'O4 P -3'
#
# COMPACT_ATOMS: atom_id res chain seq x y z
N LYS A 10 -2.72 -20.55 5.71
CA LYS A 10 -2.77 -19.09 5.40
C LYS A 10 -1.70 -18.80 4.36
N GLU A 11 -2.12 -18.46 3.13
CA GLU A 11 -1.24 -18.15 1.98
C GLU A 11 -1.64 -16.77 1.45
N ILE A 12 -0.66 -15.92 1.20
CA ILE A 12 -0.90 -14.58 0.59
C ILE A 12 -0.06 -14.46 -0.68
N CYS A 13 -0.45 -13.57 -1.55
CA CYS A 13 0.45 -13.01 -2.58
C CYS A 13 0.34 -11.48 -2.50
N LEU A 14 1.24 -10.79 -3.20
CA LEU A 14 1.40 -9.33 -3.18
C LEU A 14 0.86 -8.76 -4.50
N ASP A 15 0.22 -7.60 -4.44
CA ASP A 15 -0.30 -6.90 -5.65
C ASP A 15 0.83 -6.02 -6.20
N HIS A 16 0.50 -5.18 -7.18
CA HIS A 16 1.43 -4.28 -7.91
C HIS A 16 2.07 -3.26 -6.95
N LEU A 17 1.50 -3.02 -5.75
CA LEU A 17 2.12 -2.09 -4.75
C LEU A 17 2.58 -2.86 -3.50
N TYR A 18 2.83 -4.17 -3.62
CA TYR A 18 3.37 -5.04 -2.54
C TYR A 18 2.36 -5.22 -1.40
N ARG A 19 1.07 -4.97 -1.67
CA ARG A 19 -0.01 -5.15 -0.66
C ARG A 19 -0.34 -6.65 -0.55
N GLY A 20 -0.37 -7.19 0.68
CA GLY A 20 -0.79 -8.58 0.95
C GLY A 20 -2.24 -8.79 0.55
N CYS A 21 -2.49 -9.84 -0.24
CA CYS A 21 -3.85 -10.23 -0.72
C CYS A 21 -4.12 -11.69 -0.32
N GLN A 22 -5.20 -11.90 0.45
CA GLN A 22 -5.92 -13.19 0.69
C GLN A 22 -5.14 -14.40 0.15
N PHE A 31 -1.16 -19.89 -9.91
CA PHE A 31 -1.72 -19.45 -11.22
C PHE A 31 -0.70 -19.73 -12.33
N HIS A 32 -1.18 -20.09 -13.53
CA HIS A 32 -0.35 -20.47 -14.72
C HIS A 32 0.47 -19.28 -15.23
N LEU A 33 0.03 -18.03 -15.03
CA LEU A 33 0.80 -16.84 -15.45
C LEU A 33 1.50 -16.21 -14.25
N PRO A 34 2.57 -15.41 -14.45
CA PRO A 34 3.21 -14.67 -13.36
C PRO A 34 2.33 -13.55 -12.80
N TYR A 35 1.25 -13.21 -13.50
CA TYR A 35 0.35 -12.08 -13.16
C TYR A 35 -1.09 -12.58 -13.19
N ARG A 36 -1.95 -11.93 -12.42
CA ARG A 36 -3.40 -12.16 -12.42
C ARG A 36 -4.12 -10.82 -12.31
N TRP A 37 -4.86 -10.46 -13.36
CA TRP A 37 -5.54 -9.13 -13.48
C TRP A 37 -7.00 -9.30 -13.05
N GLN A 38 -7.45 -8.47 -12.11
CA GLN A 38 -8.81 -8.60 -11.53
C GLN A 38 -9.40 -7.22 -11.36
N LEU A 39 -10.73 -7.13 -11.38
CA LEU A 39 -11.43 -5.89 -10.96
C LEU A 39 -12.39 -6.21 -9.81
N PHE A 40 -12.63 -5.22 -8.98
CA PHE A 40 -13.45 -5.34 -7.75
C PHE A 40 -14.86 -4.86 -8.03
N ILE A 41 -15.79 -5.79 -8.17
CA ILE A 41 -17.24 -5.49 -8.08
C ILE A 41 -17.76 -6.11 -6.78
N LEU A 42 -17.95 -5.29 -5.74
CA LEU A 42 -18.46 -5.71 -4.40
C LEU A 42 -19.48 -6.83 -4.61
N PRO A 43 -19.33 -8.04 -4.03
CA PRO A 43 -18.31 -8.36 -3.04
C PRO A 43 -17.03 -9.09 -3.51
N THR A 44 -16.74 -9.16 -4.81
CA THR A 44 -15.71 -10.09 -5.35
C THR A 44 -14.71 -9.36 -6.26
N TRP A 45 -13.43 -9.72 -6.09
CA TRP A 45 -12.37 -9.57 -7.12
C TRP A 45 -12.65 -10.58 -8.23
N MET A 46 -12.97 -10.10 -9.43
CA MET A 46 -13.27 -10.93 -10.62
C MET A 46 -12.06 -10.92 -11.56
N ASP A 47 -11.70 -12.09 -12.05
CA ASP A 47 -10.70 -12.28 -13.12
C ASP A 47 -11.18 -11.58 -14.38
N PHE A 48 -10.29 -10.77 -14.97
CA PHE A 48 -10.39 -10.35 -16.39
C PHE A 48 -10.16 -11.61 -17.25
N GLN A 49 -10.86 -11.70 -18.39
CA GLN A 49 -10.42 -12.55 -19.53
C GLN A 49 -9.36 -11.73 -20.28
N ASP A 50 -8.49 -12.39 -21.05
CA ASP A 50 -7.45 -11.73 -21.88
C ASP A 50 -6.36 -11.13 -20.98
N MET A 51 -6.00 -11.83 -19.92
CA MET A 51 -5.02 -11.33 -18.92
C MET A 51 -3.68 -10.99 -19.58
N GLU A 52 -3.23 -11.83 -20.51
CA GLU A 52 -1.94 -11.68 -21.22
C GLU A 52 -1.97 -10.42 -22.10
N TYR A 53 -3.10 -10.12 -22.73
CA TYR A 53 -3.26 -8.92 -23.59
C TYR A 53 -3.22 -7.68 -22.71
N ILE A 54 -3.86 -7.76 -21.55
CA ILE A 54 -3.88 -6.62 -20.59
C ILE A 54 -2.43 -6.35 -20.15
N GLU A 55 -1.72 -7.41 -19.77
CA GLU A 55 -0.33 -7.33 -19.29
C GLU A 55 0.54 -6.69 -20.38
N ARG A 56 0.42 -7.18 -21.61
CA ARG A 56 1.22 -6.68 -22.75
C ARG A 56 1.02 -5.15 -22.86
N ALA A 57 -0.20 -4.65 -22.80
CA ALA A 57 -0.48 -3.19 -22.84
C ALA A 57 0.14 -2.51 -21.63
N TYR A 58 0.02 -3.12 -20.46
CA TYR A 58 0.52 -2.53 -19.19
C TYR A 58 2.05 -2.41 -19.26
N CYS A 59 2.73 -3.36 -19.88
CA CYS A 59 4.22 -3.30 -19.92
C CYS A 59 4.69 -2.22 -20.89
N ASP A 60 3.78 -1.62 -21.66
CA ASP A 60 4.12 -0.43 -22.49
C ASP A 60 3.81 0.84 -21.68
N PRO A 61 4.85 1.56 -21.19
CA PRO A 61 4.62 2.71 -20.32
C PRO A 61 3.91 3.87 -21.01
N GLN A 62 3.77 3.85 -22.34
CA GLN A 62 3.01 4.89 -23.08
C GLN A 62 1.50 4.66 -22.91
N ILE A 63 1.08 3.43 -22.63
CA ILE A 63 -0.35 3.07 -22.58
C ILE A 63 -0.91 3.32 -21.18
N GLU A 64 -1.94 4.17 -21.10
CA GLU A 64 -2.81 4.30 -19.90
C GLU A 64 -4.19 3.70 -20.18
N ILE A 65 -4.69 3.77 -21.42
CA ILE A 65 -6.06 3.34 -21.72
C ILE A 65 -6.01 2.12 -22.64
N ILE A 66 -6.70 1.08 -22.22
CA ILE A 66 -7.02 -0.08 -23.09
C ILE A 66 -8.49 -0.42 -22.89
N VAL A 67 -9.20 -0.63 -24.00
CA VAL A 67 -10.60 -1.09 -23.98
C VAL A 67 -10.63 -2.52 -24.52
N ILE A 68 -11.27 -3.40 -23.77
CA ILE A 68 -11.50 -4.83 -24.11
C ILE A 68 -12.94 -5.10 -23.75
N GLU A 69 -13.74 -5.63 -24.67
CA GLU A 69 -15.13 -6.09 -24.41
C GLU A 69 -15.96 -4.87 -23.98
N LYS A 70 -15.61 -3.69 -24.51
CA LYS A 70 -16.27 -2.37 -24.24
C LYS A 70 -16.06 -1.94 -22.78
N HIS A 71 -15.07 -2.53 -22.12
CA HIS A 71 -14.66 -2.17 -20.74
C HIS A 71 -13.34 -1.41 -20.81
N ARG A 72 -13.36 -0.20 -20.26
CA ARG A 72 -12.28 0.81 -20.36
C ARG A 72 -11.42 0.67 -19.11
N ILE A 73 -10.22 0.13 -19.27
CA ILE A 73 -9.17 0.04 -18.23
C ILE A 73 -8.35 1.32 -18.31
N ASN A 74 -8.08 1.90 -17.16
CA ASN A 74 -7.26 3.10 -16.96
C ASN A 74 -6.12 2.71 -16.02
N PHE A 75 -4.91 2.50 -16.56
CA PHE A 75 -3.75 2.06 -15.77
C PHE A 75 -3.27 3.19 -14.86
N LYS A 76 -3.51 4.45 -15.19
CA LYS A 76 -3.09 5.59 -14.32
C LYS A 76 -3.90 5.53 -13.03
N LYS A 77 -5.21 5.32 -13.11
CA LYS A 77 -6.07 5.31 -11.92
C LYS A 77 -6.19 3.89 -11.38
N MET A 78 -5.74 2.88 -12.14
CA MET A 78 -5.97 1.45 -11.84
C MET A 78 -7.46 1.24 -11.58
N THR A 79 -8.28 1.64 -12.55
CA THR A 79 -9.72 1.40 -12.54
C THR A 79 -10.12 0.80 -13.88
N CYS A 80 -11.31 0.24 -13.90
CA CYS A 80 -11.97 -0.27 -15.11
C CYS A 80 -13.45 0.07 -14.96
N ASP A 81 -13.93 1.00 -15.76
CA ASP A 81 -15.35 1.47 -15.71
C ASP A 81 -15.62 1.94 -14.27
N SER A 82 -14.62 2.56 -13.66
CA SER A 82 -14.66 3.19 -12.32
C SER A 82 -14.49 2.18 -11.18
N TYR A 83 -14.46 0.86 -11.42
CA TYR A 83 -14.13 -0.16 -10.38
C TYR A 83 -12.63 -0.33 -10.24
N PRO A 84 -12.11 -0.47 -9.00
CA PRO A 84 -10.68 -0.71 -8.78
C PRO A 84 -10.22 -1.99 -9.50
N ILE A 85 -8.99 -1.96 -10.02
CA ILE A 85 -8.33 -3.18 -10.57
C ILE A 85 -7.06 -3.42 -9.77
N ARG A 86 -6.59 -4.65 -9.82
CA ARG A 86 -5.28 -5.00 -9.25
C ARG A 86 -4.60 -6.03 -10.14
N ARG A 87 -3.28 -6.05 -10.04
CA ARG A 87 -2.40 -7.03 -10.70
C ARG A 87 -1.73 -7.78 -9.56
N LEU A 88 -2.16 -9.02 -9.34
CA LEU A 88 -1.53 -9.94 -8.39
C LEU A 88 -0.27 -10.51 -9.04
N SER A 89 0.82 -10.54 -8.27
CA SER A 89 2.03 -11.34 -8.54
C SER A 89 1.78 -12.75 -8.03
N THR A 90 2.19 -13.75 -8.80
CA THR A 90 1.92 -15.19 -8.54
C THR A 90 2.68 -15.70 -7.32
N PRO A 91 3.94 -15.27 -7.04
CA PRO A 91 4.71 -15.90 -5.97
C PRO A 91 3.88 -15.81 -4.67
N SER A 92 3.59 -16.96 -4.09
CA SER A 92 2.82 -17.10 -2.84
C SER A 92 3.76 -17.09 -1.63
N PHE A 93 3.25 -16.65 -0.47
CA PHE A 93 3.97 -16.61 0.82
C PHE A 93 3.09 -17.31 1.85
N VAL A 94 3.66 -18.22 2.63
CA VAL A 94 2.86 -19.06 3.58
C VAL A 94 3.15 -18.57 5.00
N GLU A 95 2.08 -18.37 5.76
CA GLU A 95 2.15 -17.83 7.15
C GLU A 95 2.91 -18.82 8.04
N LYS A 96 3.87 -18.31 8.79
CA LYS A 96 4.55 -19.03 9.90
C LYS A 96 3.55 -19.08 11.06
N THR A 97 3.24 -20.29 11.49
CA THR A 97 2.45 -20.64 12.69
C THR A 97 2.97 -19.86 13.92
N LEU A 98 2.13 -18.98 14.48
CA LEU A 98 2.42 -18.16 15.71
C LEU A 98 1.17 -18.17 16.60
N ASN A 99 1.39 -18.10 17.93
CA ASN A 99 0.31 -17.79 18.90
C ASN A 99 -0.48 -16.57 18.39
N SER A 100 -1.81 -16.59 18.54
CA SER A 100 -2.75 -15.55 18.04
C SER A 100 -2.59 -14.23 18.82
N VAL A 101 -1.97 -14.27 20.00
CA VAL A 101 -1.59 -13.06 20.81
C VAL A 101 -0.66 -12.16 19.99
N PHE A 102 -0.04 -12.69 18.93
CA PHE A 102 0.92 -11.97 18.08
C PHE A 102 0.20 -11.45 16.84
N THR A 103 -1.11 -11.66 16.73
CA THR A 103 -1.91 -11.15 15.58
C THR A 103 -2.51 -9.81 15.97
N THR A 104 -2.33 -8.78 15.13
CA THR A 104 -2.90 -7.43 15.33
C THR A 104 -4.39 -7.48 15.01
N LYS A 105 -5.23 -7.00 15.91
CA LYS A 105 -6.66 -6.70 15.66
C LYS A 105 -6.79 -5.18 15.53
N TRP A 106 -7.41 -4.72 14.46
CA TRP A 106 -7.57 -3.28 14.12
C TRP A 106 -8.96 -2.83 14.53
N LEU A 107 -9.06 -1.80 15.33
CA LEU A 107 -10.37 -1.23 15.70
C LEU A 107 -10.64 -0.01 14.81
N TRP A 108 -11.90 0.17 14.45
CA TRP A 108 -12.38 1.29 13.61
C TRP A 108 -13.31 2.15 14.45
N TYR A 109 -13.07 3.46 14.41
CA TYR A 109 -13.82 4.43 15.22
C TYR A 109 -14.33 5.57 14.34
N TRP A 110 -15.38 6.26 14.79
CA TRP A 110 -15.93 7.49 14.16
C TRP A 110 -16.08 8.58 15.22
N ARG A 111 -15.88 9.84 14.84
CA ARG A 111 -15.94 11.00 15.76
CA ARG A 111 -15.94 11.00 15.77
C ARG A 111 -17.41 11.31 16.05
N ASN A 112 -17.83 11.18 17.32
CA ASN A 112 -19.23 11.33 17.76
C ASN A 112 -19.51 12.79 18.19
N GLU A 113 -20.76 13.11 18.51
CA GLU A 113 -21.27 14.49 18.77
C GLU A 113 -20.62 15.08 20.01
N LEU A 114 -20.09 14.25 20.91
CA LEU A 114 -19.29 14.71 22.08
C LEU A 114 -17.82 14.93 21.65
N ASN A 115 -17.54 14.88 20.33
CA ASN A 115 -16.19 14.89 19.70
C ASN A 115 -15.24 13.94 20.46
N GLU A 116 -15.79 12.78 20.78
CA GLU A 116 -15.05 11.57 21.21
C GLU A 116 -15.20 10.51 20.13
N TYR A 117 -14.52 9.38 20.32
CA TYR A 117 -14.48 8.26 19.36
C TYR A 117 -15.38 7.15 19.89
N THR A 118 -16.34 6.74 19.07
CA THR A 118 -17.11 5.50 19.29
C THR A 118 -16.61 4.45 18.30
N GLN A 119 -16.39 3.23 18.78
CA GLN A 119 -16.04 2.06 17.95
C GLN A 119 -17.26 1.71 17.10
N TYR A 120 -17.06 1.40 15.83
CA TYR A 120 -18.15 0.93 14.93
C TYR A 120 -18.80 -0.29 15.58
N GLY A 121 -20.13 -0.31 15.61
CA GLY A 121 -20.90 -1.41 16.21
C GLY A 121 -21.21 -1.15 17.67
N HIS A 122 -20.62 -0.11 18.27
CA HIS A 122 -20.91 0.25 19.69
C HIS A 122 -21.86 1.45 19.69
N GLU A 123 -22.48 1.71 20.85
CA GLU A 123 -23.55 2.72 21.01
C GLU A 123 -22.95 4.13 21.00
N SER A 124 -23.52 4.98 20.15
CA SER A 124 -23.29 6.44 20.14
C SER A 124 -23.78 7.05 21.45
N PRO A 125 -23.42 8.32 21.75
CA PRO A 125 -24.07 9.07 22.82
C PRO A 125 -25.60 9.11 22.74
N SER A 126 -26.19 8.89 21.55
CA SER A 126 -27.67 8.83 21.31
C SER A 126 -28.23 7.41 21.39
N HIS A 127 -27.48 6.43 21.91
CA HIS A 127 -27.92 5.01 22.03
C HIS A 127 -28.29 4.47 20.65
N THR A 128 -27.46 4.74 19.63
CA THR A 128 -27.57 4.19 18.26
C THR A 128 -26.27 3.45 17.94
N SER A 129 -26.37 2.36 17.18
CA SER A 129 -25.21 1.51 16.81
C SER A 129 -25.30 1.10 15.34
N SER A 130 -24.17 1.07 14.63
CA SER A 130 -24.09 0.45 13.28
C SER A 130 -24.24 -1.07 13.44
N GLU A 131 -24.66 -1.77 12.40
CA GLU A 131 -24.56 -3.26 12.32
C GLU A 131 -23.11 -3.66 12.07
N ILE A 132 -22.42 -2.90 11.22
CA ILE A 132 -21.01 -3.15 10.86
C ILE A 132 -20.13 -2.90 12.10
N ASN A 133 -19.00 -3.61 12.18
CA ASN A 133 -18.05 -3.53 13.30
C ASN A 133 -16.64 -3.47 12.73
N SER A 134 -15.66 -3.42 13.61
CA SER A 134 -14.22 -3.40 13.29
C SER A 134 -13.84 -4.60 12.42
N ALA A 135 -14.32 -5.80 12.71
CA ALA A 135 -13.95 -7.01 11.93
C ALA A 135 -14.47 -6.87 10.48
N TYR A 136 -15.73 -6.44 10.31
CA TYR A 136 -16.31 -6.16 8.96
C TYR A 136 -15.44 -5.12 8.23
N LEU A 137 -15.10 -4.00 8.87
CA LEU A 137 -14.40 -2.88 8.18
C LEU A 137 -12.94 -3.29 7.86
N GLU A 138 -12.25 -3.97 8.77
CA GLU A 138 -10.83 -4.36 8.52
C GLU A 138 -10.80 -5.33 7.33
N SER A 139 -11.74 -6.25 7.27
CA SER A 139 -11.79 -7.27 6.21
C SER A 139 -11.96 -6.60 4.82
N PHE A 140 -12.88 -5.63 4.73
CA PHE A 140 -13.17 -4.87 3.51
C PHE A 140 -11.95 -4.00 3.18
N PHE A 141 -11.38 -3.34 4.18
CA PHE A 141 -10.21 -2.46 3.98
C PHE A 141 -9.03 -3.27 3.44
N HIS A 142 -8.77 -4.44 4.01
CA HIS A 142 -7.71 -5.38 3.55
C HIS A 142 -7.92 -5.73 2.07
N SER A 143 -9.14 -6.14 1.71
CA SER A 143 -9.50 -6.57 0.33
C SER A 143 -9.42 -5.39 -0.65
N CYS A 144 -9.89 -4.20 -0.25
CA CYS A 144 -10.18 -3.10 -1.20
C CYS A 144 -9.98 -1.76 -0.50
N PRO A 145 -8.71 -1.32 -0.33
CA PRO A 145 -8.42 -0.07 0.35
C PRO A 145 -9.04 1.18 -0.27
N ARG A 146 -9.50 1.11 -1.52
CA ARG A 146 -10.12 2.28 -2.18
C ARG A 146 -11.65 2.15 -2.13
N GLY A 147 -12.15 1.11 -1.49
CA GLY A 147 -13.59 0.85 -1.28
C GLY A 147 -14.35 2.04 -0.73
N VAL A 148 -15.55 2.26 -1.24
CA VAL A 148 -16.62 3.10 -0.64
C VAL A 148 -17.80 2.16 -0.41
N LEU A 149 -18.46 2.26 0.73
CA LEU A 149 -19.45 1.26 1.18
C LEU A 149 -20.61 1.97 1.89
N GLN A 150 -21.80 1.35 1.83
CA GLN A 150 -23.03 1.85 2.48
C GLN A 150 -23.22 1.11 3.81
N PHE A 151 -23.77 1.75 4.83
CA PHE A 151 -24.14 1.05 6.09
C PHE A 151 -25.23 1.85 6.79
N HIS A 152 -25.96 1.17 7.66
CA HIS A 152 -27.09 1.68 8.48
C HIS A 152 -26.63 1.81 9.94
N ALA A 153 -27.09 2.85 10.63
CA ALA A 153 -26.93 3.05 12.09
C ALA A 153 -28.16 3.82 12.58
N GLY A 154 -28.73 3.41 13.73
CA GLY A 154 -30.10 3.78 14.12
C GLY A 154 -31.01 3.74 12.91
N SER A 155 -31.62 4.88 12.57
CA SER A 155 -32.63 5.05 11.50
C SER A 155 -32.02 5.75 10.29
N GLN A 156 -30.69 5.91 10.24
CA GLN A 156 -30.01 6.73 9.21
C GLN A 156 -29.14 5.84 8.31
N ASN A 157 -28.83 6.32 7.11
CA ASN A 157 -27.93 5.64 6.14
C ASN A 157 -26.66 6.47 5.89
N TYR A 158 -25.54 5.79 5.72
CA TYR A 158 -24.19 6.42 5.67
C TYR A 158 -23.41 5.81 4.50
N GLU A 159 -22.47 6.57 3.97
CA GLU A 159 -21.43 6.08 3.03
C GLU A 159 -20.07 6.24 3.71
N LEU A 160 -19.24 5.20 3.68
CA LEU A 160 -17.89 5.25 4.28
C LEU A 160 -16.88 5.08 3.15
N SER A 161 -16.01 6.09 2.99
CA SER A 161 -14.87 6.06 2.05
C SER A 161 -13.58 5.80 2.86
N PHE A 162 -12.92 4.68 2.60
CA PHE A 162 -11.59 4.34 3.18
C PHE A 162 -10.56 5.42 2.81
N GLN A 163 -10.54 5.84 1.55
CA GLN A 163 -9.59 6.87 1.05
C GLN A 163 -9.79 8.18 1.83
N GLY A 164 -11.01 8.68 1.98
CA GLY A 164 -11.23 9.93 2.75
C GLY A 164 -11.21 9.73 4.26
N MET A 165 -11.29 8.47 4.73
CA MET A 165 -11.47 8.11 6.17
C MET A 165 -12.58 9.00 6.76
N ILE A 166 -13.73 8.99 6.10
CA ILE A 166 -14.96 9.73 6.54
C ILE A 166 -16.17 8.82 6.31
N GLN A 167 -17.16 8.99 7.19
CA GLN A 167 -18.55 8.55 6.96
C GLN A 167 -19.41 9.80 6.72
N THR A 168 -20.32 9.71 5.75
CA THR A 168 -21.28 10.80 5.44
C THR A 168 -22.71 10.27 5.58
N ASN A 169 -23.52 10.92 6.42
CA ASN A 169 -25.00 10.72 6.41
C ASN A 169 -25.48 11.05 4.99
N ILE A 170 -26.04 10.06 4.29
CA ILE A 170 -26.58 10.20 2.89
C ILE A 170 -27.65 11.30 2.85
N ALA A 171 -28.43 11.51 3.92
CA ALA A 171 -29.56 12.48 3.95
C ALA A 171 -29.02 13.87 4.32
N SER A 172 -28.50 14.04 5.54
CA SER A 172 -28.06 15.35 6.09
C SER A 172 -26.72 15.78 5.48
N LYS A 173 -25.84 14.85 5.10
CA LYS A 173 -24.50 15.12 4.51
C LYS A 173 -23.48 15.48 5.60
N THR A 174 -23.87 15.46 6.87
CA THR A 174 -22.93 15.60 8.02
C THR A 174 -21.84 14.50 7.88
N GLN A 175 -20.58 14.93 7.85
CA GLN A 175 -19.39 14.04 7.81
C GLN A 175 -18.87 13.82 9.22
N ARG A 176 -18.37 12.61 9.50
CA ARG A 176 -17.62 12.32 10.75
C ARG A 176 -16.32 11.58 10.39
N HIS A 177 -15.24 11.92 11.09
CA HIS A 177 -13.87 11.42 10.81
C HIS A 177 -13.82 9.96 11.24
N VAL A 178 -13.20 9.11 10.43
CA VAL A 178 -12.94 7.68 10.76
C VAL A 178 -11.46 7.50 11.10
N VAL A 179 -11.19 6.70 12.13
CA VAL A 179 -9.81 6.36 12.58
C VAL A 179 -9.72 4.85 12.81
N ARG A 180 -8.58 4.26 12.45
CA ARG A 180 -8.27 2.81 12.57
C ARG A 180 -6.99 2.66 13.40
N ARG A 181 -7.10 2.03 14.57
CA ARG A 181 -5.92 1.80 15.45
C ARG A 181 -6.05 0.42 16.05
N PRO A 182 -4.94 -0.21 16.47
CA PRO A 182 -5.00 -1.58 17.00
C PRO A 182 -5.63 -1.66 18.39
N VAL A 183 -6.11 -2.87 18.75
CA VAL A 183 -6.23 -3.32 20.17
C VAL A 183 -4.82 -3.32 20.78
N PHE A 184 -4.69 -2.75 21.98
CA PHE A 184 -3.38 -2.69 22.67
C PHE A 184 -3.08 -4.05 23.28
N VAL A 185 -1.85 -4.53 23.07
CA VAL A 185 -1.32 -5.81 23.64
C VAL A 185 0.03 -5.47 24.29
N SER A 186 0.06 -5.50 25.62
CA SER A 186 1.27 -5.26 26.46
C SER A 186 2.22 -6.45 26.36
N SER A 187 3.49 -6.25 26.74
CA SER A 187 4.51 -7.33 26.85
C SER A 187 4.05 -8.32 27.92
N LYS A 188 3.37 -7.82 28.96
CA LYS A 188 2.72 -8.61 30.02
C LYS A 188 1.61 -9.49 29.42
N ASP A 189 0.70 -8.91 28.63
CA ASP A 189 -0.35 -9.68 27.92
C ASP A 189 0.31 -10.83 27.16
N VAL A 190 1.47 -10.59 26.54
CA VAL A 190 2.20 -11.58 25.69
C VAL A 190 2.70 -12.73 26.56
N GLU A 191 3.23 -12.44 27.75
CA GLU A 191 3.71 -13.49 28.70
C GLU A 191 2.52 -14.33 29.18
N GLN A 192 1.45 -13.71 29.72
CA GLN A 192 0.35 -14.37 30.48
C GLN A 192 -0.20 -15.57 29.69
N LYS B 10 13.45 -16.25 1.81
CA LYS B 10 12.66 -15.01 1.58
C LYS B 10 11.50 -15.00 2.59
N GLU B 11 11.57 -14.12 3.60
CA GLU B 11 10.56 -13.98 4.67
C GLU B 11 10.08 -12.54 4.73
N ILE B 12 8.77 -12.33 4.84
CA ILE B 12 8.16 -10.98 4.92
C ILE B 12 7.26 -10.90 6.15
N CYS B 13 7.10 -9.66 6.61
CA CYS B 13 6.04 -9.18 7.52
C CYS B 13 5.20 -8.13 6.76
N LEU B 14 3.97 -7.90 7.19
CA LEU B 14 3.09 -6.84 6.64
C LEU B 14 3.10 -5.64 7.60
N ASP B 15 3.15 -4.44 7.03
CA ASP B 15 3.11 -3.17 7.80
C ASP B 15 1.65 -2.81 8.08
N HIS B 16 1.44 -1.63 8.66
CA HIS B 16 0.13 -1.09 9.08
C HIS B 16 -0.84 -0.96 7.88
N LEU B 17 -0.35 -0.94 6.63
CA LEU B 17 -1.21 -0.89 5.40
C LEU B 17 -1.08 -2.17 4.56
N TYR B 18 -0.65 -3.28 5.16
CA TYR B 18 -0.59 -4.64 4.56
C TYR B 18 0.50 -4.70 3.48
N ARG B 19 1.46 -3.78 3.55
CA ARG B 19 2.61 -3.78 2.60
C ARG B 19 3.63 -4.84 3.04
N GLY B 20 4.06 -5.70 2.10
CA GLY B 20 5.13 -6.70 2.33
C GLY B 20 6.45 -6.01 2.64
N CYS B 21 7.06 -6.32 3.79
CA CYS B 21 8.38 -5.74 4.20
C CYS B 21 9.39 -6.87 4.45
N GLN B 22 10.53 -6.80 3.75
CA GLN B 22 11.73 -7.67 3.96
C GLN B 22 12.49 -7.15 5.18
N HIS B 30 8.37 -14.76 15.99
CA HIS B 30 9.32 -13.78 15.38
C HIS B 30 9.91 -12.89 16.49
N PHE B 31 9.78 -11.57 16.33
CA PHE B 31 10.12 -10.49 17.30
C PHE B 31 9.40 -10.76 18.63
N HIS B 32 9.94 -10.30 19.77
CA HIS B 32 9.39 -10.54 21.14
C HIS B 32 8.04 -9.82 21.34
N LEU B 33 7.77 -8.70 20.66
CA LEU B 33 6.45 -8.01 20.74
C LEU B 33 5.65 -8.34 19.49
N PRO B 34 4.30 -8.25 19.51
CA PRO B 34 3.48 -8.46 18.30
C PRO B 34 3.63 -7.34 17.25
N TYR B 35 4.29 -6.26 17.63
CA TYR B 35 4.47 -5.05 16.80
C TYR B 35 5.93 -4.65 16.84
N ARG B 36 6.37 -3.99 15.77
CA ARG B 36 7.71 -3.41 15.69
C ARG B 36 7.62 -2.04 15.02
N TRP B 37 8.01 -1.00 15.74
CA TRP B 37 7.95 0.41 15.30
C TRP B 37 9.33 0.83 14.79
N GLN B 38 9.40 1.34 13.57
CA GLN B 38 10.68 1.71 12.93
C GLN B 38 10.51 3.05 12.20
N LEU B 39 11.62 3.75 12.04
CA LEU B 39 11.66 4.92 11.13
C LEU B 39 12.75 4.71 10.10
N PHE B 40 12.55 5.34 8.95
CA PHE B 40 13.45 5.22 7.77
C PHE B 40 14.49 6.34 7.84
N ILE B 41 15.72 5.95 8.16
CA ILE B 41 16.94 6.81 8.08
C ILE B 41 17.75 6.28 6.89
N LEU B 42 17.60 6.92 5.73
CA LEU B 42 18.08 6.41 4.41
C LEU B 42 19.47 5.80 4.60
N PRO B 43 19.72 4.53 4.22
CA PRO B 43 18.77 3.66 3.52
C PRO B 43 18.08 2.58 4.36
N THR B 44 18.07 2.73 5.69
CA THR B 44 17.74 1.62 6.62
C THR B 44 16.56 1.98 7.53
N TRP B 45 15.68 1.01 7.71
CA TRP B 45 14.61 1.04 8.72
C TRP B 45 15.26 0.76 10.07
N MET B 46 15.20 1.72 10.99
CA MET B 46 15.81 1.65 12.34
C MET B 46 14.68 1.44 13.36
N ASP B 47 14.90 0.54 14.30
CA ASP B 47 14.00 0.33 15.47
C ASP B 47 13.95 1.62 16.29
N PHE B 48 12.75 2.11 16.59
CA PHE B 48 12.48 3.02 17.74
C PHE B 48 12.81 2.28 19.04
N GLN B 49 13.32 3.03 20.02
CA GLN B 49 13.29 2.68 21.45
C GLN B 49 11.88 2.97 21.97
N ASP B 50 11.48 2.26 23.04
CA ASP B 50 10.19 2.47 23.76
C ASP B 50 9.02 2.05 22.86
N MET B 51 9.18 0.92 22.15
CA MET B 51 8.16 0.45 21.18
C MET B 51 6.81 0.24 21.85
N GLU B 52 6.79 -0.27 23.08
CA GLU B 52 5.52 -0.58 23.78
C GLU B 52 4.81 0.73 24.12
N TYR B 53 5.55 1.78 24.48
CA TYR B 53 4.97 3.10 24.81
C TYR B 53 4.41 3.72 23.54
N ILE B 54 5.10 3.56 22.41
CA ILE B 54 4.61 4.07 21.12
C ILE B 54 3.29 3.37 20.79
N GLU B 55 3.25 2.05 20.92
CA GLU B 55 2.07 1.23 20.59
C GLU B 55 0.91 1.68 21.46
N ARG B 56 1.17 1.83 22.77
CA ARG B 56 0.12 2.24 23.73
C ARG B 56 -0.47 3.58 23.30
N ALA B 57 0.34 4.58 22.92
CA ALA B 57 -0.17 5.88 22.43
C ALA B 57 -0.95 5.67 21.12
N TYR B 58 -0.42 4.84 20.23
CA TYR B 58 -1.04 4.58 18.92
C TYR B 58 -2.43 3.96 19.11
N CYS B 59 -2.60 3.08 20.08
CA CYS B 59 -3.90 2.39 20.30
C CYS B 59 -4.94 3.35 20.89
N ASP B 60 -4.54 4.55 21.28
CA ASP B 60 -5.51 5.62 21.64
C ASP B 60 -5.80 6.45 20.39
N PRO B 61 -7.01 6.32 19.78
CA PRO B 61 -7.30 6.98 18.52
C PRO B 61 -7.34 8.52 18.64
N GLN B 62 -7.35 9.05 19.86
CA GLN B 62 -7.33 10.52 20.07
C GLN B 62 -5.90 11.05 19.92
N ILE B 63 -4.89 10.20 20.07
CA ILE B 63 -3.46 10.62 19.97
C ILE B 63 -3.01 10.62 18.50
N GLU B 64 -2.52 11.78 18.06
CA GLU B 64 -1.82 11.99 16.78
C GLU B 64 -0.31 12.18 17.01
N ILE B 65 0.07 12.92 18.04
CA ILE B 65 1.45 13.42 18.21
C ILE B 65 1.95 12.92 19.56
N ILE B 66 3.12 12.28 19.57
CA ILE B 66 3.87 12.00 20.83
C ILE B 66 5.35 12.33 20.67
N VAL B 67 6.03 12.50 21.80
CA VAL B 67 7.49 12.67 21.87
C VAL B 67 8.09 11.42 22.53
N ILE B 68 9.08 10.84 21.86
CA ILE B 68 9.86 9.65 22.29
C ILE B 68 11.33 10.04 22.23
N GLU B 69 11.87 10.48 23.36
CA GLU B 69 13.25 10.97 23.51
C GLU B 69 13.43 12.18 22.59
N LYS B 70 14.31 12.07 21.61
CA LYS B 70 14.66 13.19 20.68
C LYS B 70 13.56 13.33 19.62
N HIS B 71 12.61 12.41 19.53
CA HIS B 71 11.77 12.22 18.32
C HIS B 71 10.36 12.82 18.51
N ARG B 72 9.88 13.60 17.56
CA ARG B 72 8.45 13.98 17.45
C ARG B 72 7.78 13.02 16.44
N ILE B 73 6.98 12.09 16.95
CA ILE B 73 6.25 11.09 16.12
C ILE B 73 4.86 11.64 15.80
N ASN B 74 4.47 11.56 14.55
CA ASN B 74 3.14 12.01 14.05
C ASN B 74 2.43 10.81 13.42
N PHE B 75 1.47 10.25 14.13
CA PHE B 75 0.71 9.05 13.68
C PHE B 75 -0.22 9.40 12.55
N LYS B 76 -0.67 10.63 12.43
CA LYS B 76 -1.57 11.01 11.31
C LYS B 76 -0.80 10.94 9.99
N LYS B 77 0.43 11.47 9.95
CA LYS B 77 1.24 11.47 8.71
C LYS B 77 2.12 10.21 8.68
N MET B 78 2.22 9.47 9.78
CA MET B 78 3.18 8.35 9.94
C MET B 78 4.57 8.85 9.57
N THR B 79 4.99 9.93 10.22
CA THR B 79 6.35 10.50 10.08
C THR B 79 6.91 10.79 11.47
N CYS B 80 8.22 10.93 11.51
CA CYS B 80 8.96 11.29 12.73
C CYS B 80 10.08 12.22 12.28
N ASP B 81 10.00 13.51 12.62
CA ASP B 81 11.03 14.51 12.24
C ASP B 81 11.19 14.45 10.71
N SER B 82 10.06 14.25 10.02
CA SER B 82 9.91 14.30 8.54
C SER B 82 10.27 12.95 7.88
N TYR B 83 10.84 11.96 8.59
CA TYR B 83 11.12 10.61 8.06
C TYR B 83 9.89 9.71 8.18
N PRO B 84 9.61 8.87 7.18
CA PRO B 84 8.54 7.88 7.28
C PRO B 84 8.78 6.93 8.47
N ILE B 85 7.67 6.51 9.09
CA ILE B 85 7.64 5.47 10.14
C ILE B 85 6.75 4.34 9.63
N ARG B 86 6.95 3.15 10.17
CA ARG B 86 6.04 2.01 9.92
C ARG B 86 5.90 1.18 11.20
N ARG B 87 4.82 0.43 11.25
CA ARG B 87 4.53 -0.57 12.28
C ARG B 87 4.43 -1.90 11.54
N LEU B 88 5.40 -2.77 11.78
CA LEU B 88 5.37 -4.18 11.34
C LEU B 88 4.51 -4.99 12.30
N SER B 89 3.61 -5.80 11.74
CA SER B 89 2.93 -6.95 12.41
C SER B 89 3.88 -8.14 12.43
N THR B 90 3.91 -8.87 13.53
CA THR B 90 4.90 -9.96 13.75
C THR B 90 4.62 -11.20 12.91
N PRO B 91 3.35 -11.58 12.61
CA PRO B 91 3.12 -12.83 11.88
C PRO B 91 3.97 -12.79 10.59
N SER B 92 4.88 -13.74 10.46
CA SER B 92 5.84 -13.85 9.33
C SER B 92 5.24 -14.73 8.24
N PHE B 93 5.62 -14.49 6.99
CA PHE B 93 5.20 -15.29 5.82
C PHE B 93 6.47 -15.67 5.05
N VAL B 94 6.60 -16.94 4.68
CA VAL B 94 7.82 -17.43 3.98
C VAL B 94 7.45 -17.69 2.51
N GLU B 95 8.25 -17.18 1.60
CA GLU B 95 7.98 -17.33 0.16
C GLU B 95 8.16 -18.80 -0.21
N LYS B 96 7.23 -19.40 -0.96
CA LYS B 96 7.43 -20.71 -1.64
C LYS B 96 8.31 -20.42 -2.86
N THR B 97 9.52 -20.97 -2.88
CA THR B 97 10.53 -20.68 -3.94
C THR B 97 9.97 -21.33 -5.21
N LEU B 98 9.77 -20.53 -6.26
CA LEU B 98 9.35 -20.98 -7.62
C LEU B 98 10.37 -20.50 -8.64
N ASN B 99 10.29 -21.05 -9.85
CA ASN B 99 10.97 -20.52 -11.05
C ASN B 99 10.83 -18.99 -11.05
N SER B 100 11.93 -18.29 -11.38
CA SER B 100 12.07 -16.81 -11.33
C SER B 100 11.19 -16.14 -12.40
N VAL B 101 10.78 -16.92 -13.43
CA VAL B 101 9.87 -16.44 -14.50
C VAL B 101 8.51 -16.05 -13.88
N PHE B 102 8.23 -16.45 -12.64
CA PHE B 102 6.95 -16.14 -11.96
C PHE B 102 7.14 -14.89 -11.09
N THR B 103 8.36 -14.38 -11.00
CA THR B 103 8.66 -13.11 -10.28
C THR B 103 8.60 -11.96 -11.29
N THR B 104 7.90 -10.89 -10.93
CA THR B 104 7.75 -9.66 -11.75
C THR B 104 9.03 -8.85 -11.63
N LYS B 105 9.60 -8.44 -12.76
CA LYS B 105 10.67 -7.42 -12.83
C LYS B 105 10.03 -6.10 -13.30
N TRP B 106 10.31 -5.03 -12.56
CA TRP B 106 9.69 -3.70 -12.73
C TRP B 106 10.69 -2.78 -13.40
N LEU B 107 10.29 -2.15 -14.49
CA LEU B 107 11.15 -1.15 -15.17
C LEU B 107 10.66 0.25 -14.80
N TRP B 108 11.59 1.19 -14.67
CA TRP B 108 11.31 2.58 -14.30
C TRP B 108 11.70 3.49 -15.46
N TYR B 109 10.82 4.40 -15.83
CA TYR B 109 11.00 5.30 -16.98
C TYR B 109 10.70 6.73 -16.56
N TRP B 110 11.25 7.69 -17.31
CA TRP B 110 10.95 9.14 -17.16
C TRP B 110 10.59 9.70 -18.53
N ARG B 111 9.67 10.67 -18.57
CA ARG B 111 9.21 11.27 -19.85
C ARG B 111 10.27 12.28 -20.31
N ASN B 112 10.87 12.03 -21.48
CA ASN B 112 12.00 12.80 -22.05
C ASN B 112 11.49 13.95 -22.93
N GLU B 113 12.41 14.80 -23.40
CA GLU B 113 12.13 16.07 -24.13
C GLU B 113 11.44 15.77 -25.47
N LEU B 114 11.59 14.57 -26.01
CA LEU B 114 10.84 14.12 -27.22
C LEU B 114 9.46 13.59 -26.82
N ASN B 115 9.06 13.79 -25.57
CA ASN B 115 7.74 13.29 -25.06
C ASN B 115 7.64 11.78 -25.25
N GLU B 116 8.76 11.07 -25.14
CA GLU B 116 8.84 9.60 -25.11
C GLU B 116 9.40 9.18 -23.75
N TYR B 117 9.47 7.87 -23.53
CA TYR B 117 9.92 7.28 -22.25
C TYR B 117 11.32 6.73 -22.46
N THR B 118 12.24 7.18 -21.63
CA THR B 118 13.58 6.59 -21.47
C THR B 118 13.61 5.83 -20.14
N GLN B 119 14.15 4.60 -20.17
CA GLN B 119 14.40 3.80 -18.95
C GLN B 119 15.51 4.46 -18.15
N TYR B 120 15.37 4.52 -16.83
CA TYR B 120 16.42 5.07 -15.94
C TYR B 120 17.70 4.26 -16.22
N GLY B 121 18.83 4.94 -16.34
CA GLY B 121 20.14 4.32 -16.61
C GLY B 121 20.41 4.23 -18.09
N HIS B 122 19.44 4.51 -18.96
CA HIS B 122 19.61 4.51 -20.43
C HIS B 122 19.74 5.96 -20.92
N GLU B 123 20.21 6.10 -22.16
CA GLU B 123 20.57 7.39 -22.83
C GLU B 123 19.32 8.21 -23.13
N SER B 124 19.29 9.46 -22.67
CA SER B 124 18.31 10.47 -23.10
C SER B 124 18.55 10.81 -24.58
N PRO B 125 17.58 11.48 -25.25
CA PRO B 125 17.84 12.09 -26.56
C PRO B 125 19.05 13.02 -26.59
N SER B 126 19.49 13.57 -25.46
CA SER B 126 20.68 14.46 -25.33
C SER B 126 21.96 13.70 -24.94
N HIS B 127 21.98 12.38 -25.06
CA HIS B 127 23.16 11.54 -24.73
C HIS B 127 23.55 11.75 -23.26
N THR B 128 22.56 11.76 -22.35
CA THR B 128 22.75 11.79 -20.87
C THR B 128 22.06 10.57 -20.27
N SER B 129 22.64 10.01 -19.21
CA SER B 129 22.13 8.81 -18.51
C SER B 129 22.27 9.01 -16.98
N SER B 130 21.27 8.57 -16.23
CA SER B 130 21.33 8.49 -14.75
C SER B 130 22.29 7.36 -14.39
N GLU B 131 22.89 7.44 -13.21
CA GLU B 131 23.65 6.32 -12.59
C GLU B 131 22.65 5.31 -12.02
N ILE B 132 21.50 5.78 -11.51
CA ILE B 132 20.43 4.89 -10.99
C ILE B 132 19.76 4.17 -12.18
N ASN B 133 19.30 2.93 -11.93
CA ASN B 133 18.62 2.07 -12.92
C ASN B 133 17.33 1.51 -12.29
N SER B 134 16.59 0.72 -13.05
CA SER B 134 15.32 0.09 -12.60
C SER B 134 15.54 -0.75 -11.33
N ALA B 135 16.65 -1.48 -11.22
CA ALA B 135 16.88 -2.32 -10.03
C ALA B 135 17.09 -1.43 -8.80
N TYR B 136 17.88 -0.36 -8.94
CA TYR B 136 18.08 0.63 -7.85
C TYR B 136 16.73 1.21 -7.41
N LEU B 137 15.88 1.63 -8.34
CA LEU B 137 14.62 2.31 -7.98
C LEU B 137 13.61 1.31 -7.40
N GLU B 138 13.50 0.10 -7.97
CA GLU B 138 12.51 -0.87 -7.46
C GLU B 138 12.90 -1.25 -6.02
N SER B 139 14.18 -1.44 -5.75
CA SER B 139 14.65 -1.82 -4.39
C SER B 139 14.30 -0.72 -3.36
N PHE B 140 14.51 0.54 -3.71
CA PHE B 140 14.17 1.69 -2.84
C PHE B 140 12.64 1.82 -2.71
N PHE B 141 11.92 1.70 -3.82
CA PHE B 141 10.45 1.82 -3.79
C PHE B 141 9.83 0.71 -2.91
N HIS B 142 10.32 -0.52 -3.04
CA HIS B 142 9.84 -1.67 -2.24
C HIS B 142 10.06 -1.38 -0.73
N SER B 143 11.25 -0.92 -0.36
CA SER B 143 11.60 -0.58 1.04
C SER B 143 10.78 0.61 1.54
N CYS B 144 10.62 1.66 0.74
CA CYS B 144 10.24 2.99 1.24
C CYS B 144 9.43 3.73 0.19
N PRO B 145 8.15 3.35 -0.01
CA PRO B 145 7.31 3.97 -1.02
C PRO B 145 7.07 5.47 -0.84
N ARG B 146 7.34 6.03 0.34
CA ARG B 146 7.18 7.48 0.58
C ARG B 146 8.54 8.16 0.51
N GLY B 147 9.55 7.44 0.11
CA GLY B 147 10.92 7.94 -0.09
C GLY B 147 10.97 9.05 -1.12
N VAL B 148 11.93 9.94 -0.87
CA VAL B 148 12.53 10.87 -1.85
C VAL B 148 14.01 10.49 -1.94
N LEU B 149 14.54 10.51 -3.15
CA LEU B 149 15.86 9.95 -3.53
C LEU B 149 16.57 11.06 -4.33
N GLN B 150 17.85 11.32 -4.05
CA GLN B 150 18.72 12.22 -4.86
C GLN B 150 19.46 11.36 -5.89
N PHE B 151 19.68 11.85 -7.10
CA PHE B 151 20.47 11.13 -8.11
C PHE B 151 21.04 12.12 -9.10
N HIS B 152 22.11 11.68 -9.77
CA HIS B 152 22.84 12.41 -10.83
C HIS B 152 22.48 11.87 -12.19
N ALA B 153 22.42 12.75 -13.18
CA ALA B 153 22.34 12.39 -14.62
C ALA B 153 23.06 13.50 -15.37
N GLY B 154 23.92 13.13 -16.31
CA GLY B 154 24.87 14.06 -16.94
C GLY B 154 25.50 14.91 -15.88
N SER B 155 25.35 16.24 -15.99
CA SER B 155 25.99 17.24 -15.10
C SER B 155 24.98 17.82 -14.10
N GLN B 156 23.79 17.21 -13.99
CA GLN B 156 22.64 17.77 -13.23
C GLN B 156 22.35 16.89 -12.02
N ASN B 157 21.67 17.47 -11.04
CA ASN B 157 21.15 16.79 -9.82
C ASN B 157 19.62 16.80 -9.79
N TYR B 158 19.04 15.69 -9.34
CA TYR B 158 17.60 15.45 -9.39
C TYR B 158 17.14 14.90 -8.05
N GLU B 159 15.88 15.12 -7.72
CA GLU B 159 15.16 14.40 -6.66
C GLU B 159 14.09 13.58 -7.33
N LEU B 160 13.94 12.32 -6.96
CA LEU B 160 12.77 11.53 -7.34
C LEU B 160 11.88 11.29 -6.10
N SER B 161 10.62 11.70 -6.22
CA SER B 161 9.53 11.47 -5.25
C SER B 161 8.66 10.32 -5.76
N PHE B 162 8.67 9.19 -5.07
CA PHE B 162 7.80 8.03 -5.35
C PHE B 162 6.34 8.43 -5.23
N GLN B 163 5.97 9.22 -4.20
CA GLN B 163 4.60 9.69 -3.96
C GLN B 163 4.10 10.49 -5.17
N GLY B 164 4.85 11.48 -5.65
CA GLY B 164 4.41 12.26 -6.82
C GLY B 164 4.69 11.56 -8.14
N MET B 165 5.46 10.47 -8.15
CA MET B 165 6.00 9.82 -9.38
C MET B 165 6.54 10.90 -10.33
N ILE B 166 7.44 11.71 -9.79
CA ILE B 166 8.13 12.81 -10.53
C ILE B 166 9.62 12.79 -10.16
N GLN B 167 10.45 13.19 -11.12
CA GLN B 167 11.81 13.68 -10.89
C GLN B 167 11.84 15.20 -11.09
N THR B 168 12.59 15.90 -10.24
CA THR B 168 12.78 17.36 -10.30
C THR B 168 14.27 17.68 -10.41
N ASN B 169 14.68 18.42 -11.44
CA ASN B 169 16.02 19.05 -11.46
C ASN B 169 16.08 20.00 -10.27
N ILE B 170 17.00 19.79 -9.32
CA ILE B 170 17.06 20.63 -8.08
C ILE B 170 17.47 22.09 -8.47
N ALA B 171 18.18 22.31 -9.58
CA ALA B 171 18.61 23.66 -10.03
C ALA B 171 17.47 24.34 -10.81
N SER B 172 17.05 23.80 -11.95
CA SER B 172 16.03 24.42 -12.84
C SER B 172 14.62 24.24 -12.27
N LYS B 173 14.35 23.16 -11.52
CA LYS B 173 13.01 22.84 -10.95
C LYS B 173 12.08 22.19 -12.00
N THR B 174 12.57 21.98 -13.21
CA THR B 174 11.83 21.22 -14.26
C THR B 174 11.48 19.84 -13.71
N GLN B 175 10.19 19.49 -13.72
CA GLN B 175 9.65 18.17 -13.36
C GLN B 175 9.49 17.31 -14.63
N ARG B 176 9.68 16.00 -14.48
CA ARG B 176 9.32 15.00 -15.51
C ARG B 176 8.60 13.83 -14.84
N HIS B 177 7.62 13.28 -15.56
CA HIS B 177 6.74 12.21 -15.08
C HIS B 177 7.56 10.92 -15.01
N VAL B 178 7.39 10.17 -13.92
CA VAL B 178 7.98 8.82 -13.77
C VAL B 178 6.88 7.77 -13.93
N VAL B 179 7.19 6.68 -14.64
CA VAL B 179 6.30 5.51 -14.85
C VAL B 179 7.08 4.22 -14.51
N ARG B 180 6.38 3.31 -13.83
CA ARG B 180 6.91 1.98 -13.43
C ARG B 180 6.02 0.90 -14.03
N ARG B 181 6.55 0.08 -14.94
CA ARG B 181 5.76 -1.02 -15.54
C ARG B 181 6.65 -2.26 -15.64
N PRO B 182 6.05 -3.45 -15.77
CA PRO B 182 6.80 -4.69 -15.75
C PRO B 182 7.55 -4.95 -17.07
N VAL B 183 8.54 -5.83 -17.00
CA VAL B 183 9.02 -6.59 -18.19
C VAL B 183 7.92 -7.54 -18.61
N PHE B 184 7.59 -7.58 -19.91
CA PHE B 184 6.48 -8.42 -20.42
C PHE B 184 6.95 -9.88 -20.45
N VAL B 185 6.11 -10.79 -19.96
CA VAL B 185 6.35 -12.26 -19.94
C VAL B 185 5.07 -12.92 -20.49
N SER B 186 5.15 -13.46 -21.69
CA SER B 186 4.08 -14.25 -22.38
C SER B 186 3.98 -15.65 -21.76
N SER B 187 2.89 -16.37 -22.02
CA SER B 187 2.70 -17.78 -21.58
C SER B 187 3.74 -18.65 -22.31
N LYS B 188 4.11 -18.27 -23.54
CA LYS B 188 5.23 -18.86 -24.33
C LYS B 188 6.57 -18.67 -23.57
N ASP B 189 6.89 -17.45 -23.16
CA ASP B 189 8.07 -17.15 -22.32
C ASP B 189 8.10 -18.10 -21.12
N VAL B 190 6.93 -18.36 -20.52
CA VAL B 190 6.81 -19.19 -19.27
C VAL B 190 7.20 -20.64 -19.60
N GLU B 191 6.76 -21.18 -20.74
CA GLU B 191 7.07 -22.56 -21.16
C GLU B 191 8.58 -22.68 -21.44
N GLN B 192 9.15 -21.79 -22.23
CA GLN B 192 10.60 -21.80 -22.54
C GLN B 192 11.42 -21.79 -21.23
N LYS B 193 11.02 -20.97 -20.24
CA LYS B 193 11.80 -20.70 -19.01
C LYS B 193 11.71 -21.87 -18.01
N ARG B 194 11.00 -22.95 -18.35
CA ARG B 194 11.02 -24.23 -17.59
C ARG B 194 12.10 -25.17 -18.18
N ARG B 195 13.34 -24.68 -18.30
CA ARG B 195 14.46 -25.25 -19.10
C ARG B 195 13.90 -26.03 -20.28
C1 GOL C . 8.86 -4.16 -22.01
O1 GOL C . 8.66 -5.56 -21.80
C2 GOL C . 8.26 -3.71 -23.33
O2 GOL C . 7.06 -4.44 -23.61
C3 GOL C . 7.96 -2.23 -23.41
O3 GOL C . 7.00 -1.96 -24.43
N1 APR D . -22.82 4.37 14.53
C2 APR D . -23.77 4.73 15.42
N3 APR D . -24.37 5.90 15.59
C4 APR D . -23.95 6.80 14.68
C5 APR D . -23.01 6.58 13.69
C6 APR D . -22.44 5.29 13.60
N6 APR D . -21.50 4.96 12.72
N7 APR D . -22.82 7.72 12.93
C8 APR D . -23.62 8.62 13.49
N9 APR D . -24.34 8.10 14.54
C1' APR D . -25.25 8.88 15.43
C2' APR D . -24.55 10.09 16.04
O2' APR D . -23.82 9.85 17.22
C3' APR D . -25.71 11.02 16.34
O3' APR D . -26.17 10.73 17.64
O4' APR D . -26.30 9.40 14.67
C4' APR D . -26.75 10.66 15.25
C5' APR D . -26.91 11.68 14.15
O5' APR D . -25.63 11.96 13.54
PA APR D . -25.39 11.77 11.96
O1A APR D . -26.38 10.84 11.34
O2A APR D . -23.95 11.49 11.70
O3A APR D . -25.65 13.27 11.46
PB APR D . -26.74 14.43 11.59
O1B APR D . -26.70 15.05 10.24
O2B APR D . -26.48 15.20 12.84
O5D APR D . -28.11 13.61 11.81
C5D APR D . -29.19 13.66 10.85
O4D APR D . -30.16 11.85 12.09
O1D APR D . -30.39 11.21 14.31
C1D APR D . -31.07 11.62 13.17
O2D APR D . -33.14 12.94 13.22
C2D APR D . -31.75 12.96 13.47
O3D APR D . -31.79 15.04 12.13
C3D APR D . -31.00 13.99 12.64
C4D APR D . -30.44 13.13 11.49
C1 GOL E . -4.19 3.63 9.63
O1 GOL E . -4.54 2.85 10.77
C2 GOL E . -5.35 3.85 8.67
O2 GOL E . -6.08 5.00 9.08
C3 GOL E . -4.93 4.03 7.23
O3 GOL E . -5.84 4.83 6.48
P PO4 F . 0.93 6.69 -15.70
O1 PO4 F . 1.96 6.99 -14.64
O2 PO4 F . 1.47 7.06 -17.07
O3 PO4 F . 0.58 5.20 -15.67
O4 PO4 F . -0.31 7.51 -15.42
P PO4 G . -8.87 -9.52 7.50
O1 PO4 G . -8.10 -10.16 8.65
O2 PO4 G . -10.33 -9.98 7.55
O3 PO4 G . -8.80 -8.00 7.64
O4 PO4 G . -8.25 -9.94 6.17
P PO4 H . -0.08 11.82 -17.33
O1 PO4 H . 0.01 11.15 -15.97
O2 PO4 H . -1.36 11.36 -18.05
O3 PO4 H . -0.12 13.34 -17.16
O4 PO4 H . 1.13 11.44 -18.17
N1 APR I . 18.40 10.45 -17.12
C2 APR I . 19.10 11.04 -18.11
N3 APR I . 19.03 12.28 -18.60
C4 APR I . 18.05 12.97 -17.99
C5 APR I . 17.25 12.52 -16.97
C6 APR I . 17.44 11.20 -16.52
N6 APR I . 16.74 10.64 -15.54
N7 APR I . 16.36 13.52 -16.60
C8 APR I . 16.65 14.54 -17.37
N9 APR I . 17.67 14.27 -18.25
C1' APR I . 18.20 15.13 -19.31
C2' APR I . 17.18 15.29 -20.44
O2' APR I . 17.48 14.46 -21.54
C3' APR I . 17.36 16.73 -20.92
O3' APR I . 18.01 16.50 -22.17
O4' APR I . 18.42 16.42 -18.80
C4' APR I . 18.21 17.41 -19.84
C5' APR I . 17.62 18.63 -19.20
O5' APR I . 16.32 18.30 -18.67
PA APR I . 15.99 18.50 -17.11
O1A APR I . 17.27 18.45 -16.33
O2A APR I . 14.82 17.64 -16.76
O3A APR I . 15.46 20.01 -16.97
PB APR I . 15.63 21.46 -17.65
O1B APR I . 15.51 22.39 -16.51
O2B APR I . 14.72 21.60 -18.82
O5D APR I . 17.13 21.39 -18.20
C5D APR I . 18.28 21.70 -17.39
O4D APR I . 19.60 23.45 -18.40
O1D APR I . 21.31 24.88 -18.92
C1D APR I . 20.83 23.61 -19.08
O2D APR I . 22.83 22.17 -19.23
C2D APR I . 21.73 22.56 -18.42
O3D APR I . 20.91 20.22 -18.79
C3D APR I . 20.78 21.41 -18.04
C4D APR I . 19.39 22.02 -18.35
P PO4 J . -6.03 10.43 12.41
O1 PO4 J . -6.76 10.77 13.72
O2 PO4 J . -6.93 9.56 11.56
O3 PO4 J . -4.74 9.68 12.73
O4 PO4 J . -5.70 11.70 11.66
P PO4 K . -0.91 17.57 12.56
O1 PO4 K . -1.40 16.66 13.70
O2 PO4 K . -2.11 18.13 11.82
O3 PO4 K . -0.10 18.73 13.14
O4 PO4 K . -0.05 16.78 11.61
P PO4 L . 4.27 17.85 13.02
O1 PO4 L . 2.90 18.31 13.54
O2 PO4 L . 4.81 16.73 13.92
O3 PO4 L . 5.23 19.03 13.04
O4 PO4 L . 4.13 17.33 11.59
P PO4 M . 13.70 20.31 -5.25
O1 PO4 M . 12.82 21.21 -4.41
O2 PO4 M . 13.01 18.97 -5.46
O3 PO4 M . 15.04 20.10 -4.54
O4 PO4 M . 13.96 20.97 -6.60
#